data_5GJY
#
_entry.id   5GJY
#
_cell.length_a   46.270
_cell.length_b   64.390
_cell.length_c   77.920
_cell.angle_alpha   90.00
_cell.angle_beta   105.74
_cell.angle_gamma   90.00
#
_symmetry.space_group_name_H-M   'P 1 21 1'
#
loop_
_entity.id
_entity.type
_entity.pdbx_description
1 polymer 'MHC class I antigen'
2 polymer Beta-2-microglobulin
3 polymer MET-VAL-MET-GLU-LEU-ILE-ARG-MET-ILE
4 water water
#
loop_
_entity_poly.entity_id
_entity_poly.type
_entity_poly.pdbx_seq_one_letter_code
_entity_poly.pdbx_strand_id
1 'polypeptide(L)'
;MEFEPHSLRYFYTAVSDPSPGVPQFVTVGSVDGEVFVRYDSETRKMEPRVDWIVANVDQQYWDRETETSRGNEQIFRVNL
DTARERYNQSRGSHTWQCMHGCDLEDGSIRGFQQCGYDGKDFIALDKDTLTYTAADAAAQITKRKWEQEGTVAEQWKNYL
ENTCIEWLRKYVSYGKDVLERRERPKVRVSGMESNKILTLSCRAHGFYPPPISISWLKDGVVQEQETKRGSTVPNSDGTY
HAWATIDVLPGNRDKYQCRVEHASLPQPGLFSW
;
A
2 'polypeptide(L)'
;MEFGQAKAAPKVQVYSRHPATAGTENILNCYVEGFHPPKIDIALLKNGEPMKDVKYNDMSFGDDWTFQRLVYAPFTPTKS
DVYTCRVDHEAFTEPQSFRWEPDF
;
B
3 'polypeptide(L)' MVMELIRMI C
#
# COMPACT_ATOMS: atom_id res chain seq x y z
N GLU A 4 9.97 1.71 -16.37
CA GLU A 4 9.46 2.94 -17.06
C GLU A 4 8.65 3.92 -16.21
N PRO A 5 7.37 3.63 -15.79
CA PRO A 5 6.60 4.76 -15.15
C PRO A 5 7.07 5.15 -13.72
N HIS A 6 6.91 6.40 -13.28
CA HIS A 6 7.24 6.75 -11.88
C HIS A 6 6.11 7.61 -11.27
N SER A 7 5.98 7.55 -9.97
CA SER A 7 4.95 8.33 -9.31
C SER A 7 5.46 8.88 -8.00
N LEU A 8 5.01 10.06 -7.62
CA LEU A 8 5.21 10.55 -6.26
C LEU A 8 3.84 10.78 -5.63
N ARG A 9 3.62 10.22 -4.44
CA ARG A 9 2.27 10.34 -3.82
C ARG A 9 2.46 10.67 -2.32
N TYR A 10 1.55 11.48 -1.81
CA TYR A 10 1.44 11.70 -0.36
C TYR A 10 0.08 11.27 0.09
N PHE A 11 0.07 10.56 1.23
CA PHE A 11 -1.16 10.01 1.83
C PHE A 11 -1.27 10.62 3.22
N TYR A 12 -2.39 11.32 3.48
CA TYR A 12 -2.61 11.95 4.77
C TYR A 12 -3.83 11.33 5.36
N THR A 13 -3.70 10.95 6.65
CA THR A 13 -4.81 10.32 7.39
C THR A 13 -4.94 10.99 8.73
N ALA A 14 -6.13 11.55 9.03
CA ALA A 14 -6.42 12.08 10.38
C ALA A 14 -7.62 11.30 10.91
N VAL A 15 -7.55 10.94 12.21
CA VAL A 15 -8.71 10.24 12.80
C VAL A 15 -9.12 10.99 14.09
N SER A 16 -10.43 10.97 14.37
CA SER A 16 -10.89 11.61 15.63
C SER A 16 -10.61 10.72 16.83
N ASP A 17 -10.53 9.37 16.59
CA ASP A 17 -10.29 8.39 17.66
C ASP A 17 -9.12 7.55 17.34
N PRO A 18 -7.92 7.97 17.73
CA PRO A 18 -6.74 7.14 17.44
C PRO A 18 -6.75 5.81 18.13
N SER A 19 -5.93 4.87 17.68
CA SER A 19 -5.93 3.52 18.24
C SER A 19 -4.50 2.96 17.91
N PRO A 20 -4.14 1.79 18.44
CA PRO A 20 -2.75 1.29 18.24
C PRO A 20 -2.42 1.16 16.72
N GLY A 21 -1.33 1.72 16.28
CA GLY A 21 -1.01 1.64 14.91
C GLY A 21 -1.58 2.80 14.11
N VAL A 22 -2.48 3.58 14.73
CA VAL A 22 -3.22 4.64 14.01
C VAL A 22 -3.12 5.96 14.78
N PRO A 23 -2.05 6.76 14.56
CA PRO A 23 -1.97 8.03 15.20
C PRO A 23 -3.09 8.97 14.78
N GLN A 24 -3.25 10.05 15.55
CA GLN A 24 -4.20 11.11 15.30
C GLN A 24 -4.00 11.68 13.89
N PHE A 25 -2.73 11.84 13.50
CA PHE A 25 -2.47 12.26 12.11
C PHE A 25 -1.18 11.59 11.66
N VAL A 26 -1.16 11.19 10.40
CA VAL A 26 0.01 10.59 9.74
C VAL A 26 0.07 11.14 8.34
N THR A 27 1.32 11.40 7.88
CA THR A 27 1.52 11.65 6.44
C THR A 27 2.61 10.65 6.01
N VAL A 28 2.38 10.01 4.85
CA VAL A 28 3.39 9.11 4.25
C VAL A 28 3.64 9.64 2.83
N GLY A 29 4.94 9.76 2.45
CA GLY A 29 5.25 10.01 1.05
C GLY A 29 5.81 8.74 0.44
N SER A 30 5.39 8.46 -0.79
CA SER A 30 5.82 7.27 -1.51
C SER A 30 6.33 7.64 -2.91
N VAL A 31 7.37 6.95 -3.34
CA VAL A 31 7.86 7.10 -4.73
C VAL A 31 7.82 5.71 -5.34
N ASP A 32 7.23 5.60 -6.52
CA ASP A 32 6.97 4.32 -7.19
C ASP A 32 6.36 3.27 -6.25
N GLY A 33 5.37 3.70 -5.43
CA GLY A 33 4.70 2.82 -4.51
C GLY A 33 5.40 2.41 -3.21
N GLU A 34 6.61 2.91 -2.99
CA GLU A 34 7.39 2.57 -1.80
C GLU A 34 7.50 3.80 -0.93
N VAL A 35 7.15 3.64 0.35
CA VAL A 35 7.29 4.72 1.26
C VAL A 35 8.78 5.20 1.41
N PHE A 36 8.98 6.51 1.34
CA PHE A 36 10.31 7.12 1.50
C PHE A 36 10.41 8.10 2.69
N VAL A 37 9.24 8.71 3.11
CA VAL A 37 9.26 9.62 4.26
C VAL A 37 7.94 9.41 5.03
N ARG A 38 7.98 9.68 6.32
CA ARG A 38 6.73 9.55 7.13
C ARG A 38 6.82 10.59 8.26
N TYR A 39 5.66 11.12 8.59
CA TYR A 39 5.47 12.07 9.71
C TYR A 39 4.24 11.58 10.48
N ASP A 40 4.28 11.65 11.81
CA ASP A 40 3.03 11.52 12.55
C ASP A 40 2.96 12.47 13.71
N SER A 41 1.77 12.52 14.33
CA SER A 41 1.48 13.50 15.43
C SER A 41 2.12 13.13 16.75
N GLU A 42 2.71 11.93 16.79
CA GLU A 42 3.40 11.46 18.04
C GLU A 42 4.89 11.76 17.97
N THR A 43 5.55 11.44 16.81
CA THR A 43 6.99 11.77 16.68
C THR A 43 7.17 13.27 16.41
N ARG A 44 6.17 13.84 15.74
CA ARG A 44 6.17 15.26 15.30
C ARG A 44 7.40 15.61 14.43
N LYS A 45 7.93 14.58 13.74
CA LYS A 45 9.14 14.83 12.85
C LYS A 45 8.87 14.15 11.55
N MET A 46 9.25 14.80 10.42
CA MET A 46 9.33 14.09 9.16
C MET A 46 10.60 13.26 9.17
N GLU A 47 10.46 11.95 8.91
CA GLU A 47 11.57 11.00 9.05
C GLU A 47 11.77 10.22 7.78
N PRO A 48 13.00 9.84 7.49
CA PRO A 48 13.24 9.03 6.32
C PRO A 48 12.82 7.57 6.59
N ARG A 49 12.42 6.82 5.57
CA ARG A 49 12.13 5.38 5.67
C ARG A 49 12.91 4.61 4.62
N VAL A 50 13.83 5.28 3.90
CA VAL A 50 14.74 4.60 2.96
C VAL A 50 16.03 5.40 2.95
N ASP A 51 17.16 4.72 2.71
CA ASP A 51 18.46 5.38 2.79
C ASP A 51 18.66 6.47 1.78
N TRP A 52 18.21 6.25 0.55
CA TRP A 52 18.55 7.19 -0.56
C TRP A 52 18.06 8.63 -0.35
N ILE A 53 16.94 8.80 0.36
CA ILE A 53 16.50 10.15 0.64
C ILE A 53 17.49 10.91 1.60
N VAL A 54 17.90 10.28 2.73
CA VAL A 54 18.82 10.92 3.65
C VAL A 54 20.13 11.27 3.00
N ALA A 55 20.62 10.40 2.14
CA ALA A 55 21.96 10.63 1.58
C ALA A 55 21.93 11.74 0.54
N ASN A 56 20.73 12.21 0.18
CA ASN A 56 20.63 13.13 -0.91
C ASN A 56 19.99 14.51 -0.64
N VAL A 57 19.36 14.69 0.51
CA VAL A 57 18.78 15.99 0.82
C VAL A 57 19.53 16.52 2.06
N ASP A 58 19.44 17.84 2.32
CA ASP A 58 20.12 18.47 3.42
C ASP A 58 19.21 18.53 4.67
N GLN A 59 19.73 19.06 5.79
CA GLN A 59 19.00 19.04 7.02
C GLN A 59 17.82 20.02 6.91
N GLN A 60 17.96 21.03 6.04
CA GLN A 60 16.91 22.03 5.74
C GLN A 60 15.65 21.35 5.16
N TYR A 61 15.86 20.27 4.41
CA TYR A 61 14.73 19.49 3.85
C TYR A 61 13.91 18.94 5.02
N TRP A 62 14.57 18.24 5.96
CA TRP A 62 13.86 17.65 7.08
C TRP A 62 13.15 18.72 7.93
N ASP A 63 13.82 19.83 8.15
CA ASP A 63 13.32 20.92 9.02
C ASP A 63 12.12 21.52 8.36
N ARG A 64 12.16 21.80 7.06
CA ARG A 64 11.04 22.41 6.33
C ARG A 64 9.85 21.44 6.30
N GLU A 65 10.12 20.18 5.93
CA GLU A 65 9.06 19.16 5.89
C GLU A 65 8.43 18.96 7.27
N THR A 66 9.27 18.99 8.32
CA THR A 66 8.76 18.83 9.69
C THR A 66 7.88 20.00 10.03
N GLU A 67 8.35 21.22 9.72
CA GLU A 67 7.52 22.46 10.03
C GLU A 67 6.19 22.45 9.26
N THR A 68 6.25 22.15 7.96
CA THR A 68 5.02 22.08 7.17
C THR A 68 4.08 20.98 7.69
N SER A 69 4.62 19.85 8.08
CA SER A 69 3.76 18.75 8.54
C SER A 69 3.10 19.12 9.89
N ARG A 70 3.87 19.79 10.74
CA ARG A 70 3.32 20.27 12.03
C ARG A 70 2.12 21.26 11.71
N GLY A 71 2.27 22.10 10.68
CA GLY A 71 1.19 22.98 10.28
C GLY A 71 0.03 22.18 9.71
N ASN A 72 0.30 21.13 8.93
CA ASN A 72 -0.78 20.36 8.29
C ASN A 72 -1.57 19.63 9.38
N GLU A 73 -0.88 19.14 10.41
CA GLU A 73 -1.57 18.42 11.52
C GLU A 73 -2.73 19.25 12.01
N GLN A 74 -2.46 20.52 12.29
CA GLN A 74 -3.50 21.46 12.77
C GLN A 74 -4.66 21.61 11.80
N ILE A 75 -4.32 21.79 10.53
CA ILE A 75 -5.37 21.90 9.50
C ILE A 75 -6.25 20.68 9.43
N PHE A 76 -5.62 19.50 9.51
CA PHE A 76 -6.38 18.29 9.42
C PHE A 76 -7.31 18.12 10.69
N ARG A 77 -6.78 18.51 11.85
CA ARG A 77 -7.59 18.51 13.13
C ARG A 77 -8.87 19.40 12.93
N VAL A 78 -8.66 20.58 12.33
CA VAL A 78 -9.79 21.52 12.08
C VAL A 78 -10.74 20.94 11.06
N ASN A 79 -10.21 20.29 10.02
CA ASN A 79 -11.04 19.73 8.98
C ASN A 79 -11.92 18.57 9.51
N LEU A 80 -11.37 17.75 10.41
CA LEU A 80 -12.25 16.73 11.08
C LEU A 80 -13.43 17.46 11.75
N ASP A 81 -13.14 18.57 12.42
CA ASP A 81 -14.19 19.30 13.20
C ASP A 81 -15.22 19.81 12.19
N THR A 82 -14.75 20.48 11.14
CA THR A 82 -15.64 21.05 10.15
C THR A 82 -16.52 20.01 9.50
N ALA A 83 -15.96 18.84 9.12
CA ALA A 83 -16.67 17.80 8.48
C ALA A 83 -17.77 17.29 9.42
N ARG A 84 -17.42 17.08 10.67
CA ARG A 84 -18.39 16.58 11.68
C ARG A 84 -19.58 17.52 11.73
N GLU A 85 -19.29 18.84 11.75
CA GLU A 85 -20.39 19.81 11.85
C GLU A 85 -21.22 19.93 10.55
N ARG A 86 -20.55 19.85 9.39
CA ARG A 86 -21.25 19.84 8.08
C ARG A 86 -22.18 18.67 7.97
N TYR A 87 -21.80 17.52 8.54
CA TYR A 87 -22.72 16.38 8.47
C TYR A 87 -23.59 16.25 9.71
N ASN A 88 -23.63 17.28 10.55
CA ASN A 88 -24.47 17.29 11.78
C ASN A 88 -24.23 16.06 12.63
N GLN A 89 -22.99 15.65 12.77
CA GLN A 89 -22.72 14.37 13.47
C GLN A 89 -22.35 14.63 14.90
N SER A 90 -22.64 13.67 15.77
CA SER A 90 -22.19 13.72 17.14
C SER A 90 -20.66 13.45 17.17
N ARG A 91 -20.01 13.77 18.31
CA ARG A 91 -18.65 13.27 18.55
C ARG A 91 -18.60 11.76 18.33
N GLY A 92 -17.50 11.28 17.77
CA GLY A 92 -17.36 9.85 17.57
C GLY A 92 -16.17 9.58 16.74
N SER A 93 -16.19 8.40 16.21
CA SER A 93 -15.04 7.86 15.45
C SER A 93 -15.21 8.21 13.96
N HIS A 94 -14.30 9.01 13.46
CA HIS A 94 -14.36 9.46 12.03
C HIS A 94 -12.94 9.52 11.45
N THR A 95 -12.86 9.54 10.11
CA THR A 95 -11.60 9.59 9.40
C THR A 95 -11.63 10.69 8.36
N TRP A 96 -10.54 11.43 8.23
CA TRP A 96 -10.46 12.38 7.08
C TRP A 96 -9.12 12.01 6.38
N GLN A 97 -9.16 11.89 5.08
CA GLN A 97 -8.01 11.46 4.27
C GLN A 97 -7.88 12.37 3.10
N CYS A 98 -6.61 12.63 2.73
CA CYS A 98 -6.37 13.35 1.50
C CYS A 98 -5.19 12.62 0.83
N MET A 99 -5.14 12.68 -0.48
CA MET A 99 -4.01 12.05 -1.25
C MET A 99 -3.76 13.04 -2.39
N HIS A 100 -2.46 13.24 -2.68
CA HIS A 100 -2.17 13.95 -3.92
C HIS A 100 -0.91 13.37 -4.50
N GLY A 101 -0.61 13.75 -5.73
CA GLY A 101 0.60 13.26 -6.33
C GLY A 101 0.61 13.42 -7.83
N CYS A 102 1.70 12.96 -8.43
CA CYS A 102 1.90 13.17 -9.90
C CYS A 102 2.47 11.87 -10.46
N ASP A 103 2.20 11.60 -11.71
CA ASP A 103 2.82 10.44 -12.38
C ASP A 103 3.59 11.03 -13.61
N LEU A 104 4.77 10.45 -13.88
CA LEU A 104 5.49 10.80 -15.08
C LEU A 104 5.47 9.53 -15.92
N GLU A 105 4.91 9.63 -17.13
CA GLU A 105 4.90 8.46 -18.03
C GLU A 105 5.14 8.79 -19.51
N ASP A 106 6.12 8.18 -20.14
CA ASP A 106 6.45 8.59 -21.50
C ASP A 106 6.67 10.12 -21.36
N GLY A 107 6.03 10.91 -22.19
CA GLY A 107 6.29 12.34 -22.12
C GLY A 107 5.28 13.02 -21.22
N SER A 108 4.22 12.29 -20.84
CA SER A 108 3.12 13.08 -20.29
C SER A 108 3.08 12.97 -18.78
N ILE A 109 2.33 13.89 -18.17
CA ILE A 109 2.30 14.14 -16.73
C ILE A 109 0.83 13.84 -16.33
N ARG A 110 0.59 13.26 -15.16
CA ARG A 110 -0.77 13.22 -14.56
C ARG A 110 -0.62 13.72 -13.13
N GLY A 111 -1.66 14.37 -12.64
CA GLY A 111 -1.63 14.89 -11.23
C GLY A 111 -3.01 14.78 -10.64
N PHE A 112 -3.11 14.59 -9.31
CA PHE A 112 -4.41 14.50 -8.70
C PHE A 112 -4.33 15.03 -7.26
N GLN A 113 -5.45 15.48 -6.75
CA GLN A 113 -5.52 15.94 -5.35
C GLN A 113 -6.96 15.63 -5.00
N GLN A 114 -7.15 14.89 -3.90
CA GLN A 114 -8.53 14.43 -3.60
C GLN A 114 -8.62 14.15 -2.12
N CYS A 115 -9.79 14.45 -1.52
CA CYS A 115 -10.00 14.19 -0.09
C CYS A 115 -11.26 13.40 0.12
N GLY A 116 -11.30 12.68 1.25
CA GLY A 116 -12.44 11.83 1.54
C GLY A 116 -12.73 11.76 3.02
N TYR A 117 -14.04 11.68 3.32
CA TYR A 117 -14.46 11.72 4.71
C TYR A 117 -15.15 10.40 5.03
N ASP A 118 -14.78 9.81 6.15
CA ASP A 118 -15.22 8.42 6.50
C ASP A 118 -15.15 7.43 5.34
N GLY A 119 -14.07 7.54 4.60
CA GLY A 119 -13.84 6.57 3.52
C GLY A 119 -14.70 6.76 2.26
N LYS A 120 -15.39 7.90 2.16
CA LYS A 120 -16.15 8.23 0.94
C LYS A 120 -15.63 9.51 0.34
N ASP A 121 -15.74 9.65 -0.99
CA ASP A 121 -15.28 10.89 -1.63
C ASP A 121 -15.93 12.13 -0.98
N PHE A 122 -15.15 13.18 -0.86
CA PHE A 122 -15.63 14.45 -0.41
C PHE A 122 -15.40 15.48 -1.50
N ILE A 123 -14.12 15.70 -1.86
CA ILE A 123 -13.81 16.73 -2.84
C ILE A 123 -12.58 16.33 -3.64
N ALA A 124 -12.58 16.65 -4.94
CA ALA A 124 -11.37 16.34 -5.74
C ALA A 124 -11.10 17.46 -6.72
N LEU A 125 -9.82 17.75 -6.96
CA LEU A 125 -9.47 18.69 -8.03
C LEU A 125 -9.78 18.16 -9.41
N ASP A 126 -10.44 18.97 -10.25
CA ASP A 126 -10.45 18.69 -11.73
C ASP A 126 -9.45 19.71 -12.29
N LYS A 127 -8.25 19.25 -12.60
CA LYS A 127 -7.11 20.11 -12.94
C LYS A 127 -7.36 20.70 -14.32
N ASP A 128 -8.18 20.02 -15.14
CA ASP A 128 -8.41 20.46 -16.55
C ASP A 128 -9.32 21.66 -16.60
N THR A 129 -10.28 21.70 -15.69
CA THR A 129 -11.22 22.85 -15.59
C THR A 129 -10.90 23.86 -14.48
N LEU A 130 -9.88 23.56 -13.67
CA LEU A 130 -9.52 24.37 -12.52
C LEU A 130 -10.73 24.57 -11.65
N THR A 131 -11.46 23.50 -11.43
CA THR A 131 -12.61 23.53 -10.44
C THR A 131 -12.44 22.33 -9.50
N TYR A 132 -13.19 22.33 -8.39
CA TYR A 132 -13.27 21.21 -7.51
C TYR A 132 -14.60 20.52 -7.68
N THR A 133 -14.55 19.20 -7.72
CA THR A 133 -15.75 18.38 -7.83
C THR A 133 -16.18 17.93 -6.42
N ALA A 134 -17.39 18.33 -6.05
CA ALA A 134 -17.93 18.06 -4.75
C ALA A 134 -18.85 16.89 -4.81
N ALA A 135 -18.65 15.99 -3.85
CA ALA A 135 -19.43 14.77 -3.76
C ALA A 135 -20.89 15.02 -3.34
N ASP A 136 -21.16 16.03 -2.51
CA ASP A 136 -22.51 16.28 -1.95
C ASP A 136 -22.64 17.71 -1.51
N ALA A 137 -23.78 18.07 -0.88
CA ALA A 137 -24.00 19.45 -0.42
C ALA A 137 -22.96 19.95 0.57
N ALA A 138 -22.54 19.08 1.50
CA ALA A 138 -21.52 19.49 2.45
C ALA A 138 -20.23 19.89 1.71
N ALA A 139 -19.81 19.08 0.74
CA ALA A 139 -18.60 19.38 0.01
C ALA A 139 -18.74 20.58 -0.97
N GLN A 140 -19.97 20.92 -1.36
CA GLN A 140 -20.17 22.10 -2.21
C GLN A 140 -19.78 23.37 -1.51
N ILE A 141 -19.94 23.39 -0.17
CA ILE A 141 -19.56 24.62 0.58
C ILE A 141 -18.02 24.78 0.41
N THR A 142 -17.29 23.65 0.50
CA THR A 142 -15.80 23.69 0.34
C THR A 142 -15.44 24.08 -1.14
N LYS A 143 -16.16 23.48 -2.09
CA LYS A 143 -16.01 23.84 -3.54
C LYS A 143 -16.11 25.37 -3.72
N ARG A 144 -17.18 25.93 -3.12
CA ARG A 144 -17.34 27.39 -3.20
C ARG A 144 -16.21 28.15 -2.55
N LYS A 145 -15.82 27.75 -1.31
CA LYS A 145 -14.76 28.42 -0.64
C LYS A 145 -13.46 28.39 -1.50
N TRP A 146 -13.06 27.20 -1.93
CA TRP A 146 -11.76 27.10 -2.64
C TRP A 146 -11.79 27.80 -4.03
N GLU A 147 -12.93 27.70 -4.72
CA GLU A 147 -13.06 28.35 -6.09
C GLU A 147 -13.15 29.84 -5.91
N GLN A 148 -13.89 30.30 -4.89
CA GLN A 148 -13.95 31.77 -4.64
C GLN A 148 -12.64 32.38 -4.23
N GLU A 149 -11.76 31.60 -3.56
CA GLU A 149 -10.47 32.14 -3.13
C GLU A 149 -9.69 32.62 -4.34
N GLY A 150 -9.80 31.90 -5.45
CA GLY A 150 -9.37 32.43 -6.73
C GLY A 150 -8.01 31.89 -7.11
N THR A 151 -7.29 31.25 -6.19
CA THR A 151 -5.92 30.83 -6.45
C THR A 151 -5.70 29.38 -6.05
N VAL A 152 -6.68 28.76 -5.47
CA VAL A 152 -6.48 27.40 -4.91
C VAL A 152 -6.21 26.38 -5.98
N ALA A 153 -7.12 26.30 -6.97
CA ALA A 153 -6.94 25.32 -8.06
C ALA A 153 -5.68 25.65 -8.87
N GLU A 154 -5.39 26.96 -9.07
CA GLU A 154 -4.21 27.36 -9.85
C GLU A 154 -2.92 26.97 -9.08
N GLN A 155 -2.92 27.13 -7.76
CA GLN A 155 -1.72 26.74 -7.00
C GLN A 155 -1.52 25.22 -7.05
N TRP A 156 -2.62 24.45 -6.92
CA TRP A 156 -2.56 23.01 -7.10
C TRP A 156 -2.16 22.56 -8.48
N LYS A 157 -2.64 23.25 -9.51
CA LYS A 157 -2.22 22.91 -10.86
C LYS A 157 -0.68 23.14 -11.02
N ASN A 158 -0.22 24.28 -10.57
CA ASN A 158 1.23 24.63 -10.53
C ASN A 158 2.03 23.55 -9.82
N TYR A 159 1.61 23.19 -8.59
CA TYR A 159 2.37 22.21 -7.79
C TYR A 159 2.36 20.88 -8.55
N LEU A 160 1.21 20.45 -9.08
CA LEU A 160 1.13 19.05 -9.63
C LEU A 160 1.94 18.87 -10.89
N GLU A 161 1.92 19.91 -11.71
CA GLU A 161 2.53 19.85 -13.08
C GLU A 161 3.97 20.31 -13.07
N ASN A 162 4.36 21.04 -12.04
CA ASN A 162 5.69 21.61 -11.96
C ASN A 162 6.47 21.12 -10.76
N THR A 163 6.21 21.71 -9.59
CA THR A 163 6.87 21.31 -8.34
C THR A 163 6.91 19.80 -8.08
N CYS A 164 5.76 19.14 -8.14
CA CYS A 164 5.65 17.69 -7.85
C CYS A 164 6.53 16.88 -8.84
N ILE A 165 6.42 17.21 -10.12
CA ILE A 165 7.19 16.52 -11.16
C ILE A 165 8.71 16.77 -10.97
N GLU A 166 9.06 18.00 -10.63
CA GLU A 166 10.51 18.38 -10.42
C GLU A 166 11.10 17.56 -9.27
N TRP A 167 10.35 17.43 -8.17
CA TRP A 167 10.79 16.63 -7.04
C TRP A 167 10.80 15.16 -7.39
N LEU A 168 9.80 14.66 -8.16
CA LEU A 168 9.74 13.24 -8.53
C LEU A 168 11.01 12.90 -9.35
N ARG A 169 11.41 13.80 -10.28
CA ARG A 169 12.61 13.56 -11.08
C ARG A 169 13.84 13.49 -10.15
N LYS A 170 13.95 14.39 -9.17
CA LYS A 170 15.05 14.39 -8.22
C LYS A 170 15.05 13.05 -7.39
N TYR A 171 13.88 12.67 -6.89
CA TYR A 171 13.73 11.41 -6.16
C TYR A 171 14.14 10.19 -6.95
N VAL A 172 13.69 10.13 -8.21
CA VAL A 172 14.00 8.95 -9.07
C VAL A 172 15.52 8.92 -9.25
N SER A 173 16.13 10.12 -9.40
CA SER A 173 17.58 10.20 -9.57
C SER A 173 18.29 9.79 -8.28
N TYR A 174 17.81 10.24 -7.13
CA TYR A 174 18.42 9.82 -5.85
C TYR A 174 18.28 8.33 -5.61
N GLY A 175 17.13 7.77 -5.99
CA GLY A 175 16.86 6.34 -5.68
C GLY A 175 17.13 5.41 -6.84
N LYS A 176 17.83 5.88 -7.88
CA LYS A 176 17.78 5.16 -9.18
C LYS A 176 18.20 3.73 -9.01
N ASP A 177 19.18 3.50 -8.13
CA ASP A 177 19.83 2.16 -7.94
C ASP A 177 18.87 1.16 -7.31
N VAL A 178 17.95 1.70 -6.51
CA VAL A 178 16.90 0.95 -5.88
C VAL A 178 15.72 0.87 -6.83
N LEU A 179 15.24 2.03 -7.26
CA LEU A 179 14.01 2.13 -8.04
C LEU A 179 14.07 1.56 -9.45
N GLU A 180 15.26 1.54 -10.04
CA GLU A 180 15.33 1.02 -11.41
C GLU A 180 16.03 -0.33 -11.48
N ARG A 181 16.19 -0.98 -10.29
CA ARG A 181 16.85 -2.30 -10.27
C ARG A 181 15.87 -3.37 -10.73
N ARG A 182 16.41 -4.57 -11.01
CA ARG A 182 15.59 -5.74 -11.35
C ARG A 182 16.06 -6.87 -10.46
N GLU A 183 15.11 -7.56 -9.86
CA GLU A 183 15.38 -8.68 -9.00
C GLU A 183 14.50 -9.78 -9.52
N ARG A 184 15.14 -10.95 -9.73
CA ARG A 184 14.46 -12.10 -10.26
C ARG A 184 13.56 -12.78 -9.25
N PRO A 185 12.38 -13.23 -9.67
CA PRO A 185 11.53 -14.04 -8.76
C PRO A 185 12.21 -15.38 -8.43
N LYS A 186 12.15 -15.82 -7.18
CA LYS A 186 12.52 -17.18 -6.84
C LYS A 186 11.26 -17.94 -6.77
N VAL A 187 11.11 -18.94 -7.67
CA VAL A 187 9.79 -19.58 -7.85
C VAL A 187 9.75 -21.01 -7.35
N ARG A 188 8.66 -21.38 -6.68
CA ARG A 188 8.45 -22.74 -6.26
C ARG A 188 7.06 -23.14 -6.58
N VAL A 189 6.93 -24.32 -7.13
CA VAL A 189 5.63 -24.91 -7.37
C VAL A 189 5.32 -25.90 -6.24
N SER A 190 4.09 -25.86 -5.69
CA SER A 190 3.64 -26.86 -4.72
C SER A 190 2.34 -27.43 -5.16
N GLY A 191 1.87 -28.46 -4.44
CA GLY A 191 0.55 -29.12 -4.66
C GLY A 191 -0.09 -29.80 -3.44
N MET A 192 -1.42 -29.74 -3.38
CA MET A 192 -2.20 -30.36 -2.28
C MET A 192 -3.21 -31.38 -2.81
N GLU A 193 -3.63 -32.27 -1.90
CA GLU A 193 -4.75 -33.24 -2.11
C GLU A 193 -5.06 -33.56 -3.56
N LEU A 198 -5.72 -32.51 -6.90
CA LEU A 198 -4.45 -31.77 -6.77
C LEU A 198 -4.64 -30.26 -7.01
N THR A 199 -4.26 -29.47 -6.02
CA THR A 199 -4.17 -28.03 -6.24
C THR A 199 -2.70 -27.68 -6.44
N LEU A 200 -2.41 -27.12 -7.60
CA LEU A 200 -1.04 -26.68 -7.89
C LEU A 200 -0.88 -25.20 -7.64
N SER A 201 0.23 -24.85 -7.02
CA SER A 201 0.41 -23.50 -6.59
C SER A 201 1.79 -23.06 -7.08
N CYS A 202 1.79 -22.01 -7.89
CA CYS A 202 3.04 -21.38 -8.34
C CYS A 202 3.27 -20.06 -7.58
N ARG A 203 4.29 -20.02 -6.71
CA ARG A 203 4.53 -18.83 -5.89
C ARG A 203 5.82 -18.22 -6.28
N ALA A 204 5.80 -16.91 -6.59
CA ALA A 204 7.00 -16.15 -6.97
C ALA A 204 7.44 -15.20 -5.83
N HIS A 205 8.66 -15.38 -5.38
CA HIS A 205 9.21 -14.67 -4.19
C HIS A 205 10.32 -13.69 -4.51
N GLY A 206 10.17 -12.46 -4.05
CA GLY A 206 11.29 -11.56 -4.08
C GLY A 206 11.64 -10.87 -5.38
N PHE A 207 10.66 -10.68 -6.25
CA PHE A 207 10.91 -9.93 -7.54
C PHE A 207 10.78 -8.40 -7.41
N TYR A 208 11.39 -7.68 -8.34
CA TYR A 208 11.26 -6.22 -8.44
C TYR A 208 11.58 -5.91 -9.92
N PRO A 209 10.81 -5.06 -10.63
CA PRO A 209 9.69 -4.28 -10.11
C PRO A 209 8.39 -5.12 -10.00
N PRO A 210 7.30 -4.54 -9.47
CA PRO A 210 6.12 -5.35 -9.17
C PRO A 210 5.34 -6.00 -10.38
N PRO A 211 5.36 -5.39 -11.61
CA PRO A 211 4.56 -6.05 -12.63
C PRO A 211 5.10 -7.47 -12.89
N ILE A 212 4.18 -8.39 -12.96
CA ILE A 212 4.52 -9.79 -13.16
C ILE A 212 3.33 -10.47 -13.82
N SER A 213 3.59 -11.59 -14.50
CA SER A 213 2.53 -12.41 -15.04
C SER A 213 2.83 -13.89 -14.79
N ILE A 214 2.04 -14.49 -13.93
CA ILE A 214 2.15 -15.91 -13.64
C ILE A 214 0.97 -16.61 -14.26
N SER A 215 1.25 -17.56 -15.18
CA SER A 215 0.23 -18.33 -15.88
C SER A 215 0.48 -19.85 -15.66
N TRP A 216 -0.61 -20.59 -15.77
CA TRP A 216 -0.55 -22.02 -15.66
C TRP A 216 -0.79 -22.60 -17.07
N LEU A 217 0.12 -23.48 -17.48
CA LEU A 217 -0.04 -24.16 -18.78
C LEU A 217 -0.30 -25.68 -18.62
N LYS A 218 -1.22 -26.19 -19.45
CA LYS A 218 -1.42 -27.64 -19.56
C LYS A 218 -0.88 -28.03 -20.93
N ASP A 219 0.24 -28.78 -20.95
CA ASP A 219 0.97 -29.13 -22.18
C ASP A 219 1.20 -27.92 -23.08
N GLY A 220 1.67 -26.82 -22.51
CA GLY A 220 1.95 -25.60 -23.31
C GLY A 220 0.75 -24.69 -23.57
N VAL A 221 -0.41 -25.07 -23.04
CA VAL A 221 -1.70 -24.37 -23.24
C VAL A 221 -2.16 -23.43 -22.10
N VAL A 222 -2.09 -22.11 -22.32
CA VAL A 222 -2.49 -21.09 -21.33
C VAL A 222 -3.90 -21.27 -20.77
N GLN A 223 -4.01 -21.74 -19.52
CA GLN A 223 -5.32 -22.02 -18.92
C GLN A 223 -5.93 -20.86 -18.11
N GLU A 224 -6.29 -19.76 -18.80
CA GLU A 224 -6.83 -18.53 -18.17
C GLU A 224 -8.03 -18.67 -17.22
N GLN A 225 -9.05 -19.36 -17.69
CA GLN A 225 -10.33 -19.31 -17.07
C GLN A 225 -10.28 -20.14 -15.78
N GLU A 226 -9.27 -21.01 -15.67
CA GLU A 226 -9.10 -21.93 -14.53
C GLU A 226 -7.97 -21.52 -13.57
N THR A 227 -7.36 -20.37 -13.83
CA THR A 227 -6.27 -19.87 -12.99
C THR A 227 -6.72 -18.87 -11.91
N LYS A 228 -6.54 -19.25 -10.64
CA LYS A 228 -6.70 -18.32 -9.54
C LYS A 228 -5.36 -17.53 -9.23
N ARG A 229 -5.53 -16.26 -8.84
CA ARG A 229 -4.40 -15.31 -8.69
C ARG A 229 -4.63 -14.38 -7.53
N GLY A 230 -3.58 -14.19 -6.73
CA GLY A 230 -3.61 -13.21 -5.68
C GLY A 230 -3.38 -11.80 -6.18
N SER A 231 -3.50 -10.87 -5.29
CA SER A 231 -3.00 -9.56 -5.45
C SER A 231 -1.45 -9.59 -5.26
N THR A 232 -0.69 -8.88 -6.09
CA THR A 232 0.80 -8.74 -5.83
C THR A 232 1.04 -7.93 -4.57
N VAL A 233 1.92 -8.42 -3.71
CA VAL A 233 2.05 -7.85 -2.34
C VAL A 233 3.56 -7.71 -2.04
N PRO A 234 3.97 -6.70 -1.24
CA PRO A 234 5.37 -6.43 -0.95
C PRO A 234 5.90 -7.34 0.13
N ASN A 235 7.21 -7.61 0.06
CA ASN A 235 7.94 -8.10 1.18
C ASN A 235 8.56 -6.93 1.95
N SER A 236 9.21 -7.24 3.08
CA SER A 236 9.76 -6.18 3.90
C SER A 236 10.93 -5.47 3.29
N ASP A 237 11.58 -6.11 2.29
CA ASP A 237 12.80 -5.46 1.71
C ASP A 237 12.43 -4.70 0.46
N GLY A 238 11.15 -4.47 0.20
CA GLY A 238 10.77 -3.70 -1.00
C GLY A 238 10.66 -4.52 -2.27
N THR A 239 11.01 -5.80 -2.18
CA THR A 239 10.65 -6.76 -3.25
C THR A 239 9.19 -7.22 -3.11
N TYR A 240 8.70 -8.01 -4.06
CA TYR A 240 7.29 -8.39 -4.11
C TYR A 240 7.09 -9.86 -4.15
N HIS A 241 5.80 -10.27 -4.01
CA HIS A 241 5.37 -11.68 -3.97
C HIS A 241 4.09 -11.81 -4.75
N ALA A 242 3.92 -12.93 -5.47
CA ALA A 242 2.64 -13.22 -6.13
C ALA A 242 2.51 -14.70 -6.34
N TRP A 243 1.27 -15.19 -6.53
CA TRP A 243 1.01 -16.62 -6.72
C TRP A 243 -0.06 -16.79 -7.75
N ALA A 244 -0.13 -17.99 -8.30
CA ALA A 244 -1.26 -18.41 -9.06
C ALA A 244 -1.53 -19.90 -8.73
N THR A 245 -2.80 -20.26 -8.49
CA THR A 245 -3.16 -21.65 -8.26
C THR A 245 -3.97 -22.19 -9.44
N ILE A 246 -3.95 -23.53 -9.58
CA ILE A 246 -4.84 -24.22 -10.50
C ILE A 246 -5.46 -25.45 -9.82
N ASP A 247 -6.80 -25.56 -9.89
CA ASP A 247 -7.51 -26.79 -9.49
C ASP A 247 -7.56 -27.81 -10.62
N VAL A 248 -6.84 -28.91 -10.44
CA VAL A 248 -6.76 -29.94 -11.48
C VAL A 248 -7.06 -31.31 -10.91
N LEU A 249 -7.35 -32.27 -11.80
CA LEU A 249 -7.56 -33.66 -11.40
C LEU A 249 -6.26 -34.36 -10.98
N PRO A 250 -6.34 -35.19 -9.89
CA PRO A 250 -5.12 -35.77 -9.28
C PRO A 250 -4.35 -36.56 -10.31
N GLY A 251 -3.05 -36.25 -10.57
CA GLY A 251 -2.29 -37.19 -11.45
C GLY A 251 -2.33 -36.80 -12.90
N ASN A 252 -2.82 -35.59 -13.24
CA ASN A 252 -2.56 -34.98 -14.56
C ASN A 252 -1.25 -34.22 -14.45
N ARG A 253 -0.47 -34.56 -13.43
CA ARG A 253 0.56 -33.70 -12.86
C ARG A 253 1.65 -33.34 -13.84
N ASP A 254 2.09 -34.30 -14.64
CA ASP A 254 3.17 -34.07 -15.59
C ASP A 254 2.85 -32.94 -16.57
N LYS A 255 1.55 -32.75 -16.82
CA LYS A 255 1.05 -31.88 -17.91
C LYS A 255 1.25 -30.40 -17.62
N TYR A 256 1.17 -30.07 -16.33
CA TYR A 256 1.09 -28.69 -15.87
C TYR A 256 2.44 -28.01 -15.61
N GLN A 257 2.68 -26.90 -16.29
CA GLN A 257 3.83 -26.04 -16.00
C GLN A 257 3.44 -24.59 -15.63
N CYS A 258 4.20 -23.98 -14.72
CA CYS A 258 3.95 -22.61 -14.38
C CYS A 258 4.88 -21.72 -15.23
N ARG A 259 4.31 -20.73 -15.95
CA ARG A 259 5.11 -19.73 -16.69
C ARG A 259 5.13 -18.41 -15.96
N VAL A 260 6.33 -17.83 -15.79
CA VAL A 260 6.48 -16.51 -15.10
C VAL A 260 7.19 -15.50 -16.00
N GLU A 261 6.45 -14.45 -16.36
CA GLU A 261 6.97 -13.33 -17.12
C GLU A 261 7.33 -12.16 -16.23
N HIS A 262 8.58 -11.68 -16.32
CA HIS A 262 9.01 -10.60 -15.46
C HIS A 262 10.18 -9.89 -16.13
N ALA A 263 10.33 -8.57 -15.93
CA ALA A 263 11.40 -7.75 -16.54
C ALA A 263 12.79 -8.24 -16.26
N SER A 264 12.99 -8.89 -15.10
CA SER A 264 14.30 -9.44 -14.74
C SER A 264 14.72 -10.69 -15.53
N LEU A 265 13.74 -11.36 -16.14
CA LEU A 265 13.90 -12.62 -16.90
C LEU A 265 13.85 -12.34 -18.43
N PRO A 266 15.00 -12.41 -19.12
CA PRO A 266 14.97 -12.21 -20.59
C PRO A 266 13.90 -13.11 -21.29
N GLN A 267 13.76 -14.35 -20.85
CA GLN A 267 12.71 -15.26 -21.35
C GLN A 267 11.84 -15.67 -20.16
N PRO A 268 10.51 -15.90 -20.39
CA PRO A 268 9.64 -16.39 -19.31
C PRO A 268 10.21 -17.66 -18.68
N GLY A 269 10.22 -17.69 -17.34
CA GLY A 269 10.57 -18.93 -16.61
C GLY A 269 9.49 -19.99 -16.69
N LEU A 270 9.91 -21.26 -16.72
CA LEU A 270 9.01 -22.42 -16.73
C LEU A 270 9.34 -23.33 -15.59
N PHE A 271 8.32 -23.72 -14.84
CA PHE A 271 8.52 -24.38 -13.55
C PHE A 271 7.54 -25.53 -13.44
N SER A 272 8.03 -26.67 -12.91
CA SER A 272 7.20 -27.87 -12.65
C SER A 272 7.12 -28.21 -11.16
N TRP A 273 6.18 -29.06 -10.77
CA TRP A 273 6.07 -29.46 -9.36
C TRP A 273 7.27 -30.33 -8.90
N GLN B 5 -21.83 3.48 2.59
CA GLN B 5 -21.04 2.31 3.18
C GLN B 5 -20.21 2.75 4.43
N ALA B 6 -20.46 2.10 5.56
CA ALA B 6 -19.80 2.43 6.75
C ALA B 6 -18.37 1.87 6.82
N LYS B 7 -18.14 0.71 6.22
CA LYS B 7 -17.00 -0.16 6.62
C LYS B 7 -16.58 -1.06 5.49
N ALA B 8 -15.33 -1.51 5.46
CA ALA B 8 -14.89 -2.44 4.41
C ALA B 8 -13.96 -3.48 5.09
N ALA B 9 -14.22 -4.79 4.86
CA ALA B 9 -13.52 -5.85 5.56
C ALA B 9 -12.10 -6.05 4.98
N PRO B 10 -11.12 -6.38 5.85
CA PRO B 10 -9.73 -6.66 5.38
C PRO B 10 -9.69 -7.89 4.48
N LYS B 11 -8.78 -7.86 3.48
CA LYS B 11 -8.47 -9.05 2.71
C LYS B 11 -7.04 -9.34 3.05
N VAL B 12 -6.68 -10.62 3.30
CA VAL B 12 -5.44 -10.93 3.99
C VAL B 12 -4.68 -12.01 3.20
N GLN B 13 -3.39 -11.82 3.02
CA GLN B 13 -2.53 -12.89 2.48
C GLN B 13 -1.38 -13.13 3.46
N VAL B 14 -0.98 -14.38 3.64
CA VAL B 14 0.11 -14.71 4.55
C VAL B 14 1.08 -15.53 3.72
N TYR B 15 2.37 -15.18 3.78
CA TYR B 15 3.36 -15.71 2.84
C TYR B 15 4.74 -15.43 3.39
N SER B 16 5.78 -16.17 2.93
CA SER B 16 7.12 -15.99 3.44
C SER B 16 7.98 -15.28 2.42
N ARG B 17 9.07 -14.63 2.88
CA ARG B 17 9.94 -13.86 1.97
C ARG B 17 10.54 -14.82 0.92
N HIS B 18 10.95 -15.98 1.40
CA HIS B 18 11.64 -16.98 0.57
C HIS B 18 10.83 -18.24 0.56
N PRO B 19 11.01 -19.07 -0.45
CA PRO B 19 10.42 -20.43 -0.40
C PRO B 19 10.89 -21.14 0.91
N ALA B 20 9.95 -21.77 1.61
CA ALA B 20 10.19 -22.32 2.96
C ALA B 20 11.13 -23.55 2.95
N THR B 21 12.20 -23.54 3.76
CA THR B 21 12.99 -24.71 4.00
C THR B 21 12.93 -24.90 5.52
N ALA B 22 12.44 -26.06 5.96
CA ALA B 22 12.42 -26.33 7.44
C ALA B 22 13.82 -26.14 8.10
N GLY B 23 13.91 -25.46 9.23
CA GLY B 23 15.20 -25.14 9.84
C GLY B 23 15.99 -23.96 9.26
N THR B 24 15.49 -23.31 8.22
CA THR B 24 16.23 -22.18 7.59
C THR B 24 15.52 -20.83 7.90
N GLU B 25 16.30 -19.85 8.33
CA GLU B 25 15.75 -18.56 8.72
C GLU B 25 15.04 -17.93 7.53
N ASN B 26 13.91 -17.30 7.81
CA ASN B 26 13.05 -16.76 6.77
C ASN B 26 12.36 -15.52 7.38
N ILE B 27 11.41 -14.98 6.66
CA ILE B 27 10.58 -13.85 7.20
C ILE B 27 9.13 -14.18 6.89
N LEU B 28 8.27 -14.10 7.91
CA LEU B 28 6.82 -14.33 7.68
C LEU B 28 6.09 -12.99 7.52
N ASN B 29 5.23 -12.92 6.51
CA ASN B 29 4.54 -11.67 6.15
C ASN B 29 3.06 -11.86 6.23
N CYS B 30 2.37 -10.78 6.61
CA CYS B 30 0.93 -10.82 6.58
C CYS B 30 0.57 -9.47 5.99
N TYR B 31 0.03 -9.51 4.78
CA TYR B 31 -0.37 -8.26 4.14
C TYR B 31 -1.87 -8.13 4.15
N VAL B 32 -2.32 -7.00 4.71
CA VAL B 32 -3.78 -6.82 4.94
C VAL B 32 -4.20 -5.55 4.19
N GLU B 33 -5.27 -5.63 3.41
CA GLU B 33 -5.64 -4.48 2.56
C GLU B 33 -7.13 -4.40 2.39
N GLY B 34 -7.61 -3.28 1.82
CA GLY B 34 -9.02 -3.15 1.50
C GLY B 34 -9.87 -2.77 2.73
N PHE B 35 -9.28 -2.46 3.89
CA PHE B 35 -10.11 -2.24 5.09
C PHE B 35 -10.33 -0.76 5.38
N HIS B 36 -11.42 -0.50 6.07
CA HIS B 36 -11.76 0.86 6.51
C HIS B 36 -12.85 0.61 7.60
N PRO B 37 -12.76 1.20 8.78
CA PRO B 37 -11.81 2.26 9.19
C PRO B 37 -10.40 1.71 9.46
N PRO B 38 -9.43 2.60 9.72
CA PRO B 38 -8.02 2.16 9.83
C PRO B 38 -7.71 1.37 11.08
N LYS B 39 -8.49 1.56 12.14
CA LYS B 39 -8.28 0.75 13.38
C LYS B 39 -8.29 -0.74 13.04
N ILE B 40 -7.25 -1.46 13.47
CA ILE B 40 -7.18 -2.88 13.15
C ILE B 40 -6.14 -3.48 14.08
N ASP B 41 -6.30 -4.76 14.39
CA ASP B 41 -5.25 -5.48 15.12
C ASP B 41 -4.82 -6.64 14.23
N ILE B 42 -3.53 -6.69 13.91
CA ILE B 42 -3.03 -7.73 13.04
C ILE B 42 -1.93 -8.42 13.89
N ALA B 43 -2.04 -9.73 14.10
CA ALA B 43 -1.09 -10.40 14.98
C ALA B 43 -0.51 -11.58 14.23
N LEU B 44 0.80 -11.75 14.33
CA LEU B 44 1.47 -12.96 13.77
C LEU B 44 1.65 -13.92 14.94
N LEU B 45 1.16 -15.14 14.81
CA LEU B 45 1.09 -16.10 15.93
C LEU B 45 1.86 -17.37 15.52
N LYS B 46 2.66 -17.90 16.45
CA LYS B 46 3.28 -19.19 16.22
C LYS B 46 2.61 -20.15 17.18
N ASN B 47 1.90 -21.14 16.65
CA ASN B 47 1.10 -21.99 17.56
C ASN B 47 0.22 -21.20 18.47
N GLY B 48 -0.48 -20.24 17.86
CA GLY B 48 -1.42 -19.36 18.57
C GLY B 48 -0.78 -18.36 19.51
N GLU B 49 0.54 -18.23 19.56
CA GLU B 49 1.16 -17.30 20.56
C GLU B 49 1.92 -16.19 19.85
N PRO B 50 1.81 -14.91 20.29
CA PRO B 50 2.47 -13.84 19.58
C PRO B 50 3.94 -14.09 19.31
N MET B 51 4.36 -13.84 18.07
CA MET B 51 5.80 -14.05 17.67
C MET B 51 6.63 -12.85 18.16
N LYS B 52 7.93 -13.06 18.21
CA LYS B 52 8.89 -12.05 18.64
C LYS B 52 9.20 -11.11 17.50
N ASP B 53 9.59 -9.87 17.86
CA ASP B 53 10.16 -8.90 16.88
C ASP B 53 9.25 -8.69 15.67
N VAL B 54 7.93 -8.54 15.90
CA VAL B 54 7.04 -8.29 14.75
C VAL B 54 7.17 -6.80 14.42
N LYS B 55 7.20 -6.44 13.11
CA LYS B 55 7.26 -5.06 12.71
C LYS B 55 6.06 -4.75 11.78
N TYR B 56 5.61 -3.49 11.83
CA TYR B 56 4.36 -3.07 11.15
C TYR B 56 4.78 -1.88 10.30
N ASN B 57 4.61 -1.99 8.99
CA ASN B 57 4.95 -0.89 8.14
C ASN B 57 3.90 0.21 8.14
N ASP B 58 4.27 1.36 7.62
CA ASP B 58 3.35 2.50 7.46
C ASP B 58 2.21 2.10 6.52
N MET B 59 1.00 2.57 6.81
CA MET B 59 -0.12 2.28 5.89
C MET B 59 -0.15 3.19 4.66
N SER B 60 -0.77 2.69 3.62
CA SER B 60 -0.98 3.36 2.37
C SER B 60 -2.49 3.29 2.26
N PHE B 61 -3.04 3.98 1.24
CA PHE B 61 -4.36 3.71 0.92
C PHE B 61 -4.66 3.96 -0.53
N GLY B 62 -5.75 3.34 -1.00
CA GLY B 62 -6.12 3.31 -2.42
C GLY B 62 -7.01 4.49 -2.80
N ASP B 63 -7.35 4.57 -4.10
CA ASP B 63 -8.38 5.47 -4.63
C ASP B 63 -9.71 5.37 -3.93
N ASP B 64 -10.06 4.12 -3.53
CA ASP B 64 -11.29 3.92 -2.78
C ASP B 64 -11.14 4.16 -1.25
N TRP B 65 -10.05 4.76 -0.81
CA TRP B 65 -9.77 5.16 0.58
C TRP B 65 -9.38 4.02 1.51
N THR B 66 -9.42 2.77 1.03
CA THR B 66 -9.21 1.67 1.96
C THR B 66 -7.69 1.52 2.20
N PHE B 67 -7.36 1.04 3.39
CA PHE B 67 -6.03 1.01 3.90
C PHE B 67 -5.32 -0.31 3.59
N GLN B 68 -3.99 -0.25 3.56
CA GLN B 68 -3.20 -1.48 3.47
C GLN B 68 -2.04 -1.43 4.38
N ARG B 69 -1.67 -2.57 4.96
CA ARG B 69 -0.50 -2.60 5.88
C ARG B 69 0.23 -3.94 5.75
N LEU B 70 1.56 -3.87 5.79
CA LEU B 70 2.37 -5.09 5.83
C LEU B 70 2.83 -5.28 7.22
N VAL B 71 2.63 -6.51 7.72
CA VAL B 71 3.17 -6.85 9.09
C VAL B 71 4.11 -8.05 8.85
N TYR B 72 5.29 -8.05 9.49
CA TYR B 72 6.22 -9.13 9.24
C TYR B 72 7.12 -9.42 10.45
N ALA B 73 7.70 -10.60 10.45
CA ALA B 73 8.60 -11.00 11.50
C ALA B 73 9.56 -12.07 11.03
N PRO B 74 10.83 -11.98 11.49
CA PRO B 74 11.72 -13.09 11.17
C PRO B 74 11.18 -14.39 11.77
N PHE B 75 11.43 -15.52 11.14
CA PHE B 75 11.06 -16.82 11.74
C PHE B 75 11.86 -17.92 11.12
N THR B 76 11.89 -19.07 11.77
CA THR B 76 12.61 -20.22 11.15
C THR B 76 11.60 -21.31 11.21
N PRO B 77 10.91 -21.52 10.08
CA PRO B 77 9.80 -22.45 10.03
C PRO B 77 10.32 -23.89 10.30
N THR B 78 9.53 -24.69 11.01
CA THR B 78 9.80 -26.11 11.15
C THR B 78 8.59 -26.85 10.57
N LYS B 79 8.70 -28.15 10.43
CA LYS B 79 7.63 -28.92 9.83
C LYS B 79 6.44 -28.94 10.72
N SER B 80 6.63 -28.73 12.02
CA SER B 80 5.50 -29.00 12.91
C SER B 80 4.80 -27.71 13.36
N ASP B 81 5.58 -26.64 13.54
CA ASP B 81 5.02 -25.36 14.09
C ASP B 81 3.93 -24.75 13.16
N VAL B 82 2.88 -24.17 13.74
CA VAL B 82 1.76 -23.62 12.95
C VAL B 82 1.73 -22.07 12.97
N TYR B 83 1.79 -21.44 11.78
CA TYR B 83 1.90 -19.96 11.72
C TYR B 83 0.63 -19.36 11.17
N THR B 84 0.07 -18.39 11.92
CA THR B 84 -1.16 -17.74 11.46
C THR B 84 -1.04 -16.23 11.60
N CYS B 85 -1.81 -15.55 10.77
CA CYS B 85 -2.03 -14.17 10.93
C CYS B 85 -3.49 -13.98 11.34
N ARG B 86 -3.68 -13.39 12.51
CA ARG B 86 -5.06 -13.22 13.10
C ARG B 86 -5.39 -11.73 13.05
N VAL B 87 -6.48 -11.41 12.40
CA VAL B 87 -6.85 -10.01 12.21
C VAL B 87 -8.19 -9.69 12.84
N ASP B 88 -8.21 -8.68 13.68
CA ASP B 88 -9.43 -8.25 14.31
C ASP B 88 -9.74 -6.85 13.75
N HIS B 89 -10.89 -6.73 13.10
CA HIS B 89 -11.33 -5.45 12.51
C HIS B 89 -12.84 -5.34 12.68
N GLU B 90 -13.38 -4.10 12.78
CA GLU B 90 -14.80 -3.96 13.07
C GLU B 90 -15.72 -4.43 11.93
N ALA B 91 -15.18 -4.61 10.71
CA ALA B 91 -15.96 -5.17 9.57
C ALA B 91 -15.94 -6.69 9.56
N PHE B 92 -15.38 -7.33 10.60
CA PHE B 92 -15.49 -8.81 10.85
C PHE B 92 -16.34 -8.92 12.10
N THR B 93 -17.08 -10.01 12.33
CA THR B 93 -17.72 -10.10 13.68
C THR B 93 -16.88 -10.65 14.82
N GLU B 94 -15.85 -11.42 14.42
CA GLU B 94 -14.94 -12.12 15.33
C GLU B 94 -13.60 -12.08 14.60
N PRO B 95 -12.52 -12.00 15.37
CA PRO B 95 -11.21 -12.06 14.69
C PRO B 95 -11.09 -13.28 13.75
N GLN B 96 -10.45 -13.10 12.58
CA GLN B 96 -10.28 -14.11 11.54
C GLN B 96 -8.81 -14.55 11.47
N SER B 97 -8.57 -15.85 11.36
CA SER B 97 -7.21 -16.40 11.24
C SER B 97 -6.96 -16.90 9.88
N PHE B 98 -5.74 -16.60 9.40
CA PHE B 98 -5.31 -16.99 8.06
C PHE B 98 -4.03 -17.80 8.25
N ARG B 99 -4.06 -19.08 7.85
CA ARG B 99 -2.88 -19.94 8.14
C ARG B 99 -1.91 -19.83 6.99
N TRP B 100 -0.63 -19.71 7.32
CA TRP B 100 0.38 -19.82 6.29
C TRP B 100 0.51 -21.29 5.93
N GLU B 101 0.48 -21.58 4.63
CA GLU B 101 0.64 -22.94 4.05
C GLU B 101 2.09 -23.05 3.68
N PRO B 102 2.81 -23.92 4.38
CA PRO B 102 4.27 -23.97 4.32
C PRO B 102 4.85 -24.29 2.94
N ASP B 103 4.20 -25.14 2.18
CA ASP B 103 4.72 -25.44 0.82
C ASP B 103 6.26 -25.75 0.69
N PHE B 104 6.70 -26.62 1.62
CA PHE B 104 8.11 -27.03 1.81
C PHE B 104 8.76 -27.75 0.62
N MET C 1 8.47 16.41 -2.21
CA MET C 1 8.14 17.59 -1.26
C MET C 1 6.63 17.73 -1.26
N VAL C 2 6.09 17.83 0.00
CA VAL C 2 4.67 17.89 0.49
C VAL C 2 4.05 19.29 0.30
N LEU C 5 -1.05 25.10 0.08
CA LEU C 5 -1.67 23.92 -0.56
C LEU C 5 -2.56 23.08 0.35
N ILE C 6 -2.17 22.86 1.58
CA ILE C 6 -3.05 22.08 2.48
C ILE C 6 -3.99 23.13 3.11
N ARG C 7 -5.29 23.05 2.80
CA ARG C 7 -6.21 24.15 3.19
C ARG C 7 -7.29 23.65 4.13
N MET C 8 -7.89 24.61 4.85
CA MET C 8 -9.14 24.30 5.57
C MET C 8 -10.28 24.09 4.58
N ILE C 9 -11.09 23.07 4.86
CA ILE C 9 -12.27 22.82 4.09
C ILE C 9 -13.41 23.78 4.49
#